data_2IVJ
#
_entry.id   2IVJ
#
_cell.length_a   46.663
_cell.length_b   71.182
_cell.length_c   100.877
_cell.angle_alpha   90.00
_cell.angle_beta   90.00
_cell.angle_gamma   90.00
#
_symmetry.space_group_name_H-M   'P 21 21 21'
#
loop_
_entity.id
_entity.type
_entity.pdbx_description
1 polymer 'ISOPENICILLIN N SYNTHETASE'
2 non-polymer D-(L-A-AMINOADIPOYL)-L-CYSTEINYL-D-CYCLOPROPYLGLYCINE
3 non-polymer 'SULFATE ION'
4 non-polymer 'FE (II) ION'
5 water water
#
_entity_poly.entity_id   1
_entity_poly.type   'polypeptide(L)'
_entity_poly.pdbx_seq_one_letter_code
;MGSVSKANVPKIDVSPLFGDDQAAKMRVAQQIDAASRDTGFFYAVNHGINVQRLSQKTKEFHMSITPEEKWDLAIRAYNK
EHQDQVRAGYYLSIPGKKAVESFCYLNPNFTPDHPRIQAKTPTHEVNVWPDETKHPGFQDFAEQYYWDVFGLSSALLKGY
ALALGKEENFFARHFKPDDTLASVVLIRYPYLDPYPEAAIKTAADGTKLSFEWHEDVSLITVLYQSNVQNLQVETAAGYQ
DIEADDTGYLINCGSYMAHLTNNYYKAPIHRVKWVNAERQSLPFFVNLGYDSVIDPFDPREPNGKSDREPLSYGDYLQNG
LVSLINKNGQT
;
_entity_poly.pdbx_strand_id   A
#
# COMPACT_ATOMS: atom_id res chain seq x y z
N SER A 3 -0.39 19.55 22.00
CA SER A 3 -0.01 19.22 20.59
C SER A 3 0.46 17.78 20.49
N VAL A 4 0.66 17.35 19.25
CA VAL A 4 1.22 16.05 18.94
C VAL A 4 2.60 16.30 18.34
N SER A 5 3.60 15.53 18.77
CA SER A 5 4.96 15.67 18.26
C SER A 5 5.05 15.16 16.82
N LYS A 6 5.99 15.70 16.07
CA LYS A 6 6.27 15.27 14.71
C LYS A 6 7.10 13.98 14.73
N ALA A 7 6.65 12.97 14.00
CA ALA A 7 7.41 11.74 13.85
C ALA A 7 8.69 11.95 13.02
N ASN A 8 9.76 11.24 13.40
CA ASN A 8 10.98 11.21 12.61
C ASN A 8 10.75 10.35 11.37
N VAL A 9 10.66 11.01 10.23
CA VAL A 9 10.46 10.34 8.94
C VAL A 9 11.50 10.90 7.99
N PRO A 10 12.68 10.25 7.94
CA PRO A 10 13.74 10.78 7.12
C PRO A 10 13.45 10.68 5.63
N LYS A 11 14.04 11.58 4.87
CA LYS A 11 14.00 11.51 3.43
C LYS A 11 15.26 10.79 2.98
N ILE A 12 15.09 9.71 2.24
CA ILE A 12 16.20 8.87 1.78
C ILE A 12 16.22 8.92 0.25
N ASP A 13 17.37 9.34 -0.29
CA ASP A 13 17.59 9.33 -1.73
C ASP A 13 17.85 7.88 -2.15
N VAL A 14 16.87 7.30 -2.84
CA VAL A 14 16.90 5.88 -3.18
C VAL A 14 17.47 5.65 -4.56
N SER A 15 17.88 6.71 -5.25
CA SER A 15 18.36 6.55 -6.61
C SER A 15 19.52 5.54 -6.80
N PRO A 16 20.46 5.42 -5.82
CA PRO A 16 21.48 4.37 -6.02
C PRO A 16 20.94 2.94 -6.14
N LEU A 17 19.75 2.67 -5.65
CA LEU A 17 19.17 1.34 -5.72
C LEU A 17 18.77 0.93 -7.13
N PHE A 18 18.74 1.90 -8.06
CA PHE A 18 18.50 1.60 -9.47
C PHE A 18 19.78 1.30 -10.24
N GLY A 19 20.94 1.53 -9.62
CA GLY A 19 22.24 1.45 -10.31
C GLY A 19 23.12 0.29 -9.87
N ASP A 20 24.42 0.43 -10.15
CA ASP A 20 25.39 -0.65 -9.95
C ASP A 20 26.56 -0.23 -9.04
N ASP A 21 26.40 0.84 -8.26
CA ASP A 21 27.38 1.25 -7.27
C ASP A 21 27.03 0.56 -5.96
N GLN A 22 27.71 -0.55 -5.69
CA GLN A 22 27.30 -1.40 -4.56
C GLN A 22 27.53 -0.73 -3.21
N ALA A 23 28.63 -0.02 -3.06
CA ALA A 23 28.91 0.73 -1.85
C ALA A 23 27.82 1.78 -1.57
N ALA A 24 27.42 2.52 -2.61
CA ALA A 24 26.35 3.51 -2.49
C ALA A 24 25.04 2.84 -2.09
N LYS A 25 24.76 1.67 -2.67
CA LYS A 25 23.58 0.92 -2.30
C LYS A 25 23.62 0.53 -0.82
N MET A 26 24.78 0.15 -0.29
CA MET A 26 24.87 -0.18 1.13
C MET A 26 24.60 1.02 2.03
N ARG A 27 25.06 2.20 1.61
CA ARG A 27 24.77 3.40 2.40
C ARG A 27 23.28 3.75 2.41
N VAL A 28 22.57 3.45 1.32
CA VAL A 28 21.12 3.59 1.30
C VAL A 28 20.47 2.54 2.22
N ALA A 29 20.95 1.29 2.11
CA ALA A 29 20.48 0.22 2.96
C ALA A 29 20.58 0.56 4.44
N GLN A 30 21.68 1.20 4.85
CA GLN A 30 21.83 1.59 6.24
C GLN A 30 20.74 2.57 6.67
N GLN A 31 20.42 3.52 5.79
CA GLN A 31 19.37 4.50 6.08
C GLN A 31 18.00 3.82 6.23
N ILE A 32 17.73 2.84 5.37
CA ILE A 32 16.50 2.04 5.45
C ILE A 32 16.48 1.26 6.77
N ASP A 33 17.60 0.65 7.13
CA ASP A 33 17.71 -0.06 8.40
C ASP A 33 17.39 0.86 9.58
N ALA A 34 18.00 2.04 9.60
CA ALA A 34 17.80 2.99 10.69
C ALA A 34 16.32 3.39 10.79
N ALA A 35 15.71 3.73 9.66
CA ALA A 35 14.32 4.16 9.67
C ALA A 35 13.40 3.03 10.10
N SER A 36 13.70 1.81 9.65
CA SER A 36 12.88 0.63 9.96
C SER A 36 12.96 0.26 11.44
N ARG A 37 14.09 0.57 12.08
CA ARG A 37 14.28 0.31 13.51
C ARG A 37 13.75 1.44 14.39
N ASP A 38 13.50 2.62 13.81
CA ASP A 38 13.01 3.79 14.55
C ASP A 38 11.47 3.82 14.41
N THR A 39 10.92 4.81 13.70
CA THR A 39 9.46 4.94 13.62
C THR A 39 8.84 3.96 12.65
N GLY A 40 9.65 3.42 11.74
CA GLY A 40 9.15 2.51 10.73
C GLY A 40 8.69 3.15 9.43
N PHE A 41 8.89 4.45 9.29
CA PHE A 41 8.53 5.16 8.08
C PHE A 41 9.70 5.98 7.55
N PHE A 42 9.80 6.08 6.23
CA PHE A 42 10.68 7.05 5.59
C PHE A 42 10.06 7.50 4.28
N TYR A 43 10.53 8.63 3.76
CA TYR A 43 10.17 9.09 2.42
C TYR A 43 11.29 8.72 1.46
N ALA A 44 10.92 7.98 0.43
CA ALA A 44 11.79 7.73 -0.70
C ALA A 44 11.72 8.96 -1.61
N VAL A 45 12.88 9.56 -1.86
CA VAL A 45 13.01 10.69 -2.76
C VAL A 45 13.97 10.31 -3.88
N ASN A 46 13.94 11.09 -4.97
CA ASN A 46 14.69 10.78 -6.20
C ASN A 46 14.33 9.39 -6.72
N HIS A 47 13.02 9.14 -6.71
CA HIS A 47 12.44 7.85 -7.07
C HIS A 47 12.12 7.72 -8.55
N GLY A 48 12.16 8.83 -9.26
CA GLY A 48 11.98 8.82 -10.71
C GLY A 48 10.58 8.72 -11.26
N ILE A 49 9.56 8.68 -10.39
CA ILE A 49 8.17 8.61 -10.84
C ILE A 49 7.53 10.01 -10.94
N ASN A 50 6.77 10.23 -12.00
CA ASN A 50 6.07 11.49 -12.19
C ASN A 50 4.78 11.46 -11.36
N VAL A 51 4.90 11.88 -10.12
CA VAL A 51 3.77 11.85 -9.21
C VAL A 51 2.76 12.95 -9.47
N GLN A 52 3.19 14.08 -10.03
CA GLN A 52 2.23 15.12 -10.33
C GLN A 52 1.28 14.64 -11.42
N ARG A 53 1.79 13.91 -12.41
CA ARG A 53 0.93 13.40 -13.46
C ARG A 53 0.05 12.30 -12.92
N LEU A 54 0.58 11.44 -12.07
CA LEU A 54 -0.25 10.44 -11.37
C LEU A 54 -1.43 11.12 -10.70
N SER A 55 -1.14 12.16 -9.93
CA SER A 55 -2.19 12.90 -9.22
C SER A 55 -3.22 13.51 -10.18
N GLN A 56 -2.76 14.04 -11.31
CA GLN A 56 -3.65 14.70 -12.25
C GLN A 56 -4.56 13.69 -12.93
N LYS A 57 -3.98 12.57 -13.37
CA LYS A 57 -4.78 11.55 -14.04
C LYS A 57 -5.78 10.92 -13.08
N THR A 58 -5.35 10.73 -11.83
CA THR A 58 -6.26 10.18 -10.82
C THR A 58 -7.40 11.14 -10.51
N LYS A 59 -7.10 12.42 -10.38
CA LYS A 59 -8.15 13.41 -10.17
C LYS A 59 -9.15 13.42 -11.32
N GLU A 60 -8.65 13.39 -12.56
CA GLU A 60 -9.54 13.38 -13.71
C GLU A 60 -10.53 12.20 -13.64
N PHE A 61 -10.03 11.03 -13.26
CA PHE A 61 -10.87 9.84 -13.06
C PHE A 61 -11.88 10.02 -11.93
N HIS A 62 -11.42 10.35 -10.74
CA HIS A 62 -12.30 10.46 -9.57
C HIS A 62 -13.39 11.49 -9.78
N MET A 63 -13.07 12.59 -10.44
CA MET A 63 -14.02 13.67 -10.57
C MET A 63 -14.96 13.52 -11.76
N SER A 64 -14.69 12.58 -12.66
CA SER A 64 -15.59 12.35 -13.80
C SER A 64 -16.39 11.06 -13.75
N ILE A 65 -15.97 10.10 -12.95
CA ILE A 65 -16.75 8.86 -12.84
C ILE A 65 -18.14 9.13 -12.25
N THR A 66 -19.15 8.48 -12.81
CA THR A 66 -20.55 8.71 -12.44
C THR A 66 -21.09 7.60 -11.54
N PRO A 67 -22.20 7.86 -10.83
CA PRO A 67 -22.81 6.80 -10.03
C PRO A 67 -23.13 5.53 -10.83
N GLU A 68 -23.57 5.69 -12.08
CA GLU A 68 -23.87 4.56 -12.91
C GLU A 68 -22.63 3.68 -13.07
N GLU A 69 -21.50 4.32 -13.41
CA GLU A 69 -20.24 3.60 -13.61
C GLU A 69 -19.74 2.92 -12.34
N LYS A 70 -19.93 3.57 -11.19
CA LYS A 70 -19.53 2.99 -9.92
C LYS A 70 -20.26 1.68 -9.63
N TRP A 71 -21.58 1.63 -9.85
CA TRP A 71 -22.29 0.35 -9.68
C TRP A 71 -21.75 -0.70 -10.64
N ASP A 72 -21.51 -0.28 -11.88
CA ASP A 72 -21.10 -1.21 -12.92
C ASP A 72 -19.69 -1.79 -12.69
N LEU A 73 -18.87 -1.06 -11.91
CA LEU A 73 -17.51 -1.47 -11.53
C LEU A 73 -17.39 -2.01 -10.10
N ALA A 74 -18.49 -2.02 -9.34
CA ALA A 74 -18.44 -2.23 -7.90
C ALA A 74 -17.98 -3.62 -7.52
N ILE A 75 -17.18 -3.69 -6.45
CA ILE A 75 -16.86 -4.97 -5.83
C ILE A 75 -18.10 -5.59 -5.22
N ARG A 76 -17.99 -6.87 -4.91
CA ARG A 76 -19.15 -7.65 -4.45
C ARG A 76 -19.72 -7.15 -3.12
N ALA A 77 -18.92 -6.50 -2.29
CA ALA A 77 -19.43 -5.89 -1.06
C ALA A 77 -20.55 -4.87 -1.32
N TYR A 78 -20.53 -4.24 -2.49
CA TYR A 78 -21.54 -3.26 -2.88
C TYR A 78 -22.49 -3.75 -3.95
N ASN A 79 -22.11 -4.78 -4.71
CA ASN A 79 -22.94 -5.26 -5.81
C ASN A 79 -22.89 -6.77 -5.86
N LYS A 80 -23.98 -7.40 -5.42
CA LYS A 80 -24.05 -8.88 -5.36
C LYS A 80 -23.91 -9.58 -6.71
N GLU A 81 -24.12 -8.87 -7.80
CA GLU A 81 -23.97 -9.45 -9.15
C GLU A 81 -22.52 -9.76 -9.47
N HIS A 82 -21.58 -9.14 -8.74
CA HIS A 82 -20.16 -9.23 -9.08
C HIS A 82 -19.39 -10.13 -8.11
N GLN A 83 -19.79 -11.40 -8.05
CA GLN A 83 -19.22 -12.33 -7.09
C GLN A 83 -17.71 -12.60 -7.26
N ASP A 84 -17.18 -12.37 -8.46
CA ASP A 84 -15.74 -12.56 -8.69
C ASP A 84 -14.88 -11.39 -8.20
N GLN A 85 -15.51 -10.25 -7.93
CA GLN A 85 -14.80 -9.03 -7.56
C GLN A 85 -14.72 -8.89 -6.07
N VAL A 86 -13.71 -9.50 -5.47
CA VAL A 86 -13.48 -9.38 -4.06
C VAL A 86 -12.57 -8.19 -3.81
N ARG A 87 -11.49 -8.09 -4.59
CA ARG A 87 -10.43 -7.07 -4.45
C ARG A 87 -10.54 -5.92 -5.46
N ALA A 88 -10.66 -6.27 -6.73
CA ALA A 88 -10.55 -5.31 -7.84
C ALA A 88 -11.89 -4.69 -8.19
N GLY A 89 -11.91 -3.37 -8.29
CA GLY A 89 -13.09 -2.62 -8.71
C GLY A 89 -13.34 -1.40 -7.85
N TYR A 90 -14.58 -0.90 -7.90
CA TYR A 90 -14.96 0.32 -7.22
C TYR A 90 -15.52 0.02 -5.85
N TYR A 91 -15.08 0.83 -4.88
CA TYR A 91 -15.49 0.79 -3.47
C TYR A 91 -16.26 2.09 -3.25
N LEU A 92 -17.57 1.99 -3.15
CA LEU A 92 -18.44 3.18 -3.16
C LEU A 92 -18.45 3.89 -1.81
N SER A 93 -18.64 5.21 -1.87
CA SER A 93 -19.00 5.97 -0.68
C SER A 93 -20.48 5.73 -0.37
N ILE A 94 -20.87 6.11 0.84
CA ILE A 94 -22.27 6.07 1.25
C ILE A 94 -22.57 7.46 1.84
N PRO A 95 -23.09 8.39 1.00
CA PRO A 95 -23.31 9.74 1.49
C PRO A 95 -24.10 9.75 2.78
N GLY A 96 -23.64 10.56 3.73
CA GLY A 96 -24.22 10.62 5.07
C GLY A 96 -23.64 9.64 6.06
N LYS A 97 -22.85 8.66 5.59
CA LYS A 97 -22.35 7.56 6.41
C LYS A 97 -20.85 7.24 6.23
N LYS A 98 -20.39 7.19 4.98
CA LYS A 98 -19.04 6.78 4.63
C LYS A 98 -18.54 7.73 3.56
N ALA A 99 -17.46 8.44 3.88
CA ALA A 99 -16.97 9.49 2.98
C ALA A 99 -16.07 8.94 1.88
N VAL A 100 -15.19 8.03 2.28
CA VAL A 100 -14.14 7.56 1.38
C VAL A 100 -14.71 6.67 0.25
N GLU A 101 -14.09 6.77 -0.91
CA GLU A 101 -14.35 5.88 -2.02
C GLU A 101 -13.06 5.63 -2.76
N SER A 102 -13.01 4.55 -3.52
CA SER A 102 -11.76 4.17 -4.16
C SER A 102 -11.94 3.18 -5.29
N PHE A 103 -10.85 3.01 -6.02
CA PHE A 103 -10.78 2.06 -7.13
C PHE A 103 -9.50 1.26 -6.97
N CYS A 104 -9.63 -0.05 -6.93
CA CYS A 104 -8.50 -0.95 -6.74
C CYS A 104 -8.28 -1.75 -8.01
N TYR A 105 -7.02 -1.90 -8.40
CA TYR A 105 -6.66 -2.82 -9.46
C TYR A 105 -5.40 -3.59 -9.10
N LEU A 106 -5.30 -4.75 -9.74
CA LEU A 106 -4.25 -5.74 -9.51
C LEU A 106 -3.32 -5.83 -10.71
N ASN A 107 -2.42 -6.79 -10.65
CA ASN A 107 -1.51 -7.11 -11.73
C ASN A 107 -2.21 -7.14 -13.10
N PRO A 108 -1.82 -6.24 -14.02
CA PRO A 108 -2.38 -6.30 -15.37
C PRO A 108 -2.17 -7.62 -16.12
N ASN A 109 -1.19 -8.41 -15.69
CA ASN A 109 -0.98 -9.73 -16.29
C ASN A 109 -1.97 -10.80 -15.85
N PHE A 110 -2.83 -10.48 -14.87
CA PHE A 110 -3.94 -11.39 -14.52
C PHE A 110 -5.03 -11.22 -15.56
N THR A 111 -4.83 -11.88 -16.68
CA THR A 111 -5.76 -11.92 -17.79
C THR A 111 -6.60 -13.21 -17.71
N PRO A 112 -7.68 -13.30 -18.50
CA PRO A 112 -8.49 -14.51 -18.45
C PRO A 112 -7.74 -15.81 -18.69
N ASP A 113 -6.65 -15.78 -19.45
CA ASP A 113 -5.84 -16.96 -19.74
C ASP A 113 -4.72 -17.24 -18.72
N HIS A 114 -4.56 -16.39 -17.72
CA HIS A 114 -3.50 -16.57 -16.73
C HIS A 114 -3.78 -17.86 -15.95
N PRO A 115 -2.75 -18.70 -15.72
CA PRO A 115 -3.02 -19.98 -15.02
C PRO A 115 -3.71 -19.87 -13.66
N ARG A 116 -3.43 -18.82 -12.90
CA ARG A 116 -4.06 -18.62 -11.60
C ARG A 116 -5.50 -18.17 -11.72
N ILE A 117 -5.83 -17.46 -12.80
CA ILE A 117 -7.20 -17.05 -13.09
C ILE A 117 -8.01 -18.28 -13.54
N GLN A 118 -7.41 -19.08 -14.40
CA GLN A 118 -8.05 -20.31 -14.84
C GLN A 118 -8.36 -21.23 -13.66
N ALA A 119 -7.42 -21.33 -12.73
CA ALA A 119 -7.58 -22.17 -11.54
C ALA A 119 -8.53 -21.57 -10.49
N LYS A 120 -8.88 -20.30 -10.65
CA LYS A 120 -9.71 -19.56 -9.70
C LYS A 120 -9.06 -19.52 -8.33
N THR A 121 -7.73 -19.37 -8.32
CA THR A 121 -6.99 -19.26 -7.08
C THR A 121 -7.39 -17.99 -6.33
N PRO A 122 -7.69 -18.11 -5.03
CA PRO A 122 -8.00 -16.93 -4.21
C PRO A 122 -6.99 -15.80 -4.35
N THR A 123 -7.50 -14.57 -4.29
CA THR A 123 -6.76 -13.29 -4.36
C THR A 123 -6.33 -12.86 -5.77
N HIS A 124 -6.54 -13.72 -6.77
CA HIS A 124 -6.27 -13.37 -8.17
C HIS A 124 -7.58 -13.04 -8.85
N GLU A 125 -7.62 -11.89 -9.52
CA GLU A 125 -8.80 -11.46 -10.27
C GLU A 125 -8.35 -10.73 -11.51
N VAL A 126 -9.22 -10.72 -12.51
CA VAL A 126 -9.03 -9.91 -13.69
C VAL A 126 -9.57 -8.51 -13.41
N ASN A 127 -8.75 -7.49 -13.66
CA ASN A 127 -9.17 -6.11 -13.44
C ASN A 127 -10.40 -5.74 -14.22
N VAL A 128 -11.20 -4.86 -13.64
CA VAL A 128 -12.31 -4.23 -14.34
C VAL A 128 -11.98 -2.75 -14.56
N TRP A 129 -12.40 -2.23 -15.71
CA TRP A 129 -12.06 -0.88 -16.12
C TRP A 129 -13.31 -0.17 -16.61
N PRO A 130 -13.34 1.17 -16.45
CA PRO A 130 -14.46 1.91 -17.02
C PRO A 130 -14.37 1.92 -18.55
N ASP A 131 -15.41 2.42 -19.18
CA ASP A 131 -15.46 2.54 -20.62
C ASP A 131 -14.38 3.50 -21.10
N GLU A 132 -13.63 3.06 -22.10
CA GLU A 132 -12.55 3.85 -22.67
C GLU A 132 -13.01 5.21 -23.21
N THR A 133 -14.18 5.25 -23.85
CA THR A 133 -14.68 6.51 -24.39
C THR A 133 -15.03 7.52 -23.29
N LYS A 134 -15.47 7.04 -22.13
CA LYS A 134 -15.77 7.93 -21.02
C LYS A 134 -14.52 8.36 -20.26
N HIS A 135 -13.48 7.53 -20.29
CA HIS A 135 -12.24 7.78 -19.55
C HIS A 135 -11.02 7.56 -20.44
N PRO A 136 -10.89 8.37 -21.50
CA PRO A 136 -9.84 8.12 -22.48
C PRO A 136 -8.47 8.10 -21.85
N GLY A 137 -7.70 7.06 -22.14
CA GLY A 137 -6.33 6.97 -21.66
C GLY A 137 -6.18 6.47 -20.24
N PHE A 138 -7.27 6.32 -19.49
CA PHE A 138 -7.16 5.99 -18.07
C PHE A 138 -6.58 4.60 -17.83
N GLN A 139 -7.13 3.59 -18.48
CA GLN A 139 -6.64 2.21 -18.29
C GLN A 139 -5.17 2.13 -18.64
N ASP A 140 -4.78 2.72 -19.76
CA ASP A 140 -3.38 2.65 -20.18
C ASP A 140 -2.48 3.35 -19.20
N PHE A 141 -2.90 4.52 -18.71
CA PHE A 141 -2.14 5.25 -17.72
C PHE A 141 -1.99 4.41 -16.44
N ALA A 142 -3.10 3.86 -15.97
CA ALA A 142 -3.10 3.13 -14.72
C ALA A 142 -2.25 1.85 -14.79
N GLU A 143 -2.30 1.15 -15.92
CA GLU A 143 -1.46 -0.04 -16.10
C GLU A 143 0.02 0.34 -16.14
N GLN A 144 0.35 1.41 -16.85
CA GLN A 144 1.73 1.88 -16.87
C GLN A 144 2.20 2.29 -15.47
N TYR A 145 1.30 2.92 -14.70
CA TYR A 145 1.64 3.31 -13.34
C TYR A 145 1.99 2.10 -12.49
N TYR A 146 1.21 1.05 -12.64
CA TYR A 146 1.49 -0.21 -11.94
C TYR A 146 2.94 -0.61 -12.17
N TRP A 147 3.39 -0.59 -13.43
CA TRP A 147 4.75 -1.01 -13.73
C TRP A 147 5.80 -0.02 -13.23
N ASP A 148 5.49 1.27 -13.26
CA ASP A 148 6.43 2.28 -12.76
C ASP A 148 6.63 2.07 -11.25
N VAL A 149 5.55 1.90 -10.50
CA VAL A 149 5.67 1.72 -9.06
C VAL A 149 6.18 0.32 -8.70
N PHE A 150 5.91 -0.68 -9.54
CA PHE A 150 6.54 -1.99 -9.41
C PHE A 150 8.06 -1.84 -9.48
N GLY A 151 8.54 -1.05 -10.44
CA GLY A 151 9.98 -0.84 -10.60
C GLY A 151 10.61 -0.17 -9.40
N LEU A 152 9.95 0.86 -8.88
CA LEU A 152 10.43 1.52 -7.66
C LEU A 152 10.46 0.53 -6.51
N SER A 153 9.39 -0.25 -6.39
CA SER A 153 9.27 -1.21 -5.29
C SER A 153 10.35 -2.28 -5.35
N SER A 154 10.67 -2.74 -6.54
CA SER A 154 11.77 -3.69 -6.72
C SER A 154 13.09 -3.11 -6.23
N ALA A 155 13.35 -1.86 -6.58
CA ALA A 155 14.54 -1.16 -6.10
C ALA A 155 14.53 -1.06 -4.57
N LEU A 156 13.39 -0.66 -3.99
CA LEU A 156 13.28 -0.57 -2.52
C LEU A 156 13.54 -1.93 -1.86
N LEU A 157 13.03 -2.99 -2.47
CA LEU A 157 13.23 -4.33 -1.93
C LEU A 157 14.70 -4.76 -1.96
N LYS A 158 15.46 -4.30 -2.94
CA LYS A 158 16.91 -4.53 -2.92
C LYS A 158 17.55 -3.83 -1.71
N GLY A 159 17.09 -2.63 -1.41
CA GLY A 159 17.57 -1.89 -0.23
C GLY A 159 17.24 -2.59 1.08
N TYR A 160 16.01 -3.07 1.22
CA TYR A 160 15.63 -3.80 2.43
C TYR A 160 16.43 -5.12 2.59
N ALA A 161 16.63 -5.82 1.48
CA ALA A 161 17.42 -7.04 1.54
C ALA A 161 18.84 -6.77 2.01
N LEU A 162 19.48 -5.76 1.43
CA LEU A 162 20.84 -5.42 1.84
C LEU A 162 20.87 -4.97 3.29
N ALA A 163 19.85 -4.23 3.71
CA ALA A 163 19.74 -3.75 5.09
C ALA A 163 19.71 -4.90 6.10
N LEU A 164 19.13 -6.01 5.69
CA LEU A 164 18.95 -7.17 6.57
C LEU A 164 20.11 -8.15 6.47
N GLY A 165 21.16 -7.79 5.77
CA GLY A 165 22.32 -8.66 5.66
C GLY A 165 22.20 -9.74 4.60
N LYS A 166 21.26 -9.58 3.68
CA LYS A 166 21.02 -10.56 2.61
C LYS A 166 21.56 -10.02 1.29
N GLU A 167 21.60 -10.88 0.28
CA GLU A 167 21.88 -10.48 -1.11
C GLU A 167 20.71 -9.67 -1.64
N GLU A 168 20.97 -8.79 -2.61
CA GLU A 168 19.96 -7.79 -2.97
C GLU A 168 18.68 -8.36 -3.58
N ASN A 169 18.73 -9.58 -4.13
CA ASN A 169 17.52 -10.20 -4.69
C ASN A 169 16.71 -11.05 -3.70
N PHE A 170 17.02 -10.96 -2.42
CA PHE A 170 16.40 -11.81 -1.41
C PHE A 170 14.86 -11.74 -1.39
N PHE A 171 14.32 -10.52 -1.50
CA PHE A 171 12.87 -10.33 -1.60
C PHE A 171 12.46 -10.25 -3.07
N ALA A 172 13.22 -9.51 -3.85
CA ALA A 172 12.84 -9.21 -5.24
C ALA A 172 12.68 -10.44 -6.13
N ARG A 173 13.41 -11.52 -5.84
CA ARG A 173 13.24 -12.75 -6.63
C ARG A 173 11.83 -13.36 -6.47
N HIS A 174 11.09 -12.95 -5.44
CA HIS A 174 9.70 -13.39 -5.21
C HIS A 174 8.66 -12.37 -5.69
N PHE A 175 9.15 -11.27 -6.27
CA PHE A 175 8.32 -10.14 -6.67
C PHE A 175 8.46 -10.01 -8.19
N LYS A 176 7.55 -10.65 -8.92
CA LYS A 176 7.73 -10.89 -10.35
C LYS A 176 6.51 -10.42 -11.13
N PRO A 177 6.74 -9.82 -12.31
CA PRO A 177 5.62 -9.32 -13.08
C PRO A 177 4.55 -10.35 -13.40
N ASP A 178 4.93 -11.61 -13.61
CA ASP A 178 3.93 -12.58 -14.03
C ASP A 178 3.01 -13.02 -12.92
N ASP A 179 3.37 -12.81 -11.66
CA ASP A 179 2.54 -13.36 -10.59
C ASP A 179 2.33 -12.52 -9.32
N THR A 180 2.89 -11.32 -9.25
CA THR A 180 2.74 -10.53 -8.03
C THR A 180 1.29 -10.26 -7.72
N LEU A 181 0.95 -10.39 -6.44
CA LEU A 181 -0.36 -10.07 -5.90
C LEU A 181 -0.48 -8.60 -5.47
N ALA A 182 0.49 -7.77 -5.84
CA ALA A 182 0.48 -6.33 -5.50
C ALA A 182 -0.76 -5.63 -6.07
N SER A 183 -1.24 -4.63 -5.34
CA SER A 183 -2.38 -3.86 -5.76
C SER A 183 -2.08 -2.36 -5.70
N VAL A 184 -2.73 -1.60 -6.59
CA VAL A 184 -2.82 -0.16 -6.48
C VAL A 184 -4.24 0.16 -6.02
N VAL A 185 -4.36 1.11 -5.11
CA VAL A 185 -5.67 1.65 -4.74
C VAL A 185 -5.68 3.16 -4.95
N LEU A 186 -6.64 3.65 -5.71
CA LEU A 186 -6.79 5.08 -5.95
C LEU A 186 -7.91 5.58 -5.04
N ILE A 187 -7.52 6.10 -3.87
CA ILE A 187 -8.49 6.53 -2.86
C ILE A 187 -8.78 8.01 -2.93
N ARG A 188 -10.07 8.34 -2.94
CA ARG A 188 -10.55 9.70 -2.85
C ARG A 188 -11.10 9.94 -1.46
N TYR A 189 -10.51 10.90 -0.76
CA TYR A 189 -11.07 11.45 0.45
C TYR A 189 -11.68 12.80 0.11
N PRO A 190 -13.02 12.93 0.24
CA PRO A 190 -13.68 14.15 -0.16
C PRO A 190 -13.68 15.28 0.84
N TYR A 191 -13.82 16.51 0.34
CA TYR A 191 -14.30 17.63 1.14
C TYR A 191 -15.83 17.54 1.18
N LEU A 192 -16.41 17.64 2.36
CA LEU A 192 -17.87 17.62 2.53
C LEU A 192 -18.31 18.70 3.50
N ASP A 193 -19.36 19.43 3.13
CA ASP A 193 -19.96 20.47 3.97
C ASP A 193 -21.47 20.33 3.91
N PRO A 194 -22.10 19.80 4.98
CA PRO A 194 -21.50 19.36 6.24
C PRO A 194 -20.83 17.98 6.11
N TYR A 195 -19.86 17.70 6.97
CA TYR A 195 -19.21 16.39 6.98
C TYR A 195 -19.97 15.53 7.97
N PRO A 196 -20.51 14.40 7.53
CA PRO A 196 -21.35 13.63 8.45
C PRO A 196 -20.53 12.97 9.56
N GLU A 197 -21.00 13.17 10.79
CA GLU A 197 -20.39 12.57 11.96
C GLU A 197 -20.29 11.05 11.87
N ALA A 198 -21.25 10.40 11.21
CA ALA A 198 -21.17 8.95 11.07
C ALA A 198 -19.93 8.49 10.30
N ALA A 199 -19.37 9.38 9.46
CA ALA A 199 -18.16 9.06 8.71
C ALA A 199 -16.86 9.43 9.44
N ILE A 200 -16.98 9.88 10.68
CA ILE A 200 -15.84 10.25 11.50
C ILE A 200 -15.79 9.28 12.68
N LYS A 201 -14.67 8.62 12.86
CA LYS A 201 -14.47 7.74 14.01
C LYS A 201 -13.70 8.52 15.07
N THR A 202 -13.72 8.04 16.29
CA THR A 202 -13.01 8.71 17.37
C THR A 202 -12.09 7.72 18.08
N ALA A 203 -10.81 8.07 18.17
CA ALA A 203 -9.82 7.23 18.85
C ALA A 203 -9.99 7.33 20.35
N ALA A 204 -9.39 6.40 21.08
CA ALA A 204 -9.48 6.42 22.54
C ALA A 204 -8.96 7.74 23.13
N ASP A 205 -7.94 8.30 22.50
CA ASP A 205 -7.37 9.59 22.92
C ASP A 205 -8.15 10.83 22.42
N GLY A 206 -9.27 10.62 21.75
CA GLY A 206 -10.14 11.70 21.32
C GLY A 206 -9.88 12.18 19.91
N THR A 207 -8.82 11.69 19.28
CA THR A 207 -8.49 12.13 17.93
C THR A 207 -9.56 11.68 16.95
N LYS A 208 -10.01 12.60 16.10
CA LYS A 208 -10.98 12.27 15.07
C LYS A 208 -10.24 11.58 13.91
N LEU A 209 -10.77 10.43 13.49
CA LEU A 209 -10.13 9.58 12.50
C LEU A 209 -11.02 9.29 11.31
N SER A 210 -10.40 9.03 10.16
CA SER A 210 -11.07 8.40 9.05
C SER A 210 -10.81 6.89 9.00
N PHE A 211 -9.69 6.42 9.53
CA PHE A 211 -9.39 4.98 9.53
C PHE A 211 -8.59 4.68 10.77
N GLU A 212 -9.00 3.63 11.47
CA GLU A 212 -8.43 3.31 12.79
C GLU A 212 -7.05 2.65 12.68
N TRP A 213 -6.43 2.48 13.84
CA TRP A 213 -5.12 1.90 13.97
C TRP A 213 -5.07 0.53 13.31
N HIS A 214 -3.94 0.23 12.69
CA HIS A 214 -3.72 -1.05 12.06
C HIS A 214 -2.25 -1.20 11.74
N GLU A 215 -1.88 -2.43 11.44
CA GLU A 215 -0.65 -2.75 10.72
C GLU A 215 -1.03 -3.10 9.29
N ASP A 216 -0.16 -2.76 8.35
CA ASP A 216 -0.44 -3.08 6.96
C ASP A 216 -0.35 -4.57 6.61
N VAL A 217 -1.25 -4.98 5.72
CA VAL A 217 -1.20 -6.29 5.08
C VAL A 217 -0.38 -6.11 3.79
N SER A 218 0.93 -6.34 3.93
CA SER A 218 1.87 -6.18 2.84
C SER A 218 3.23 -6.67 3.30
N LEU A 219 4.14 -6.79 2.35
CA LEU A 219 5.59 -6.84 2.64
C LEU A 219 6.09 -5.43 2.98
N ILE A 220 5.96 -4.53 2.01
CA ILE A 220 6.09 -3.10 2.25
C ILE A 220 4.93 -2.38 1.54
N THR A 221 4.73 -1.13 1.93
CA THR A 221 3.71 -0.26 1.36
C THR A 221 4.40 0.98 0.82
N VAL A 222 4.02 1.35 -0.41
CA VAL A 222 4.71 2.40 -1.18
C VAL A 222 3.62 3.40 -1.58
N LEU A 223 3.57 4.54 -0.86
CA LEU A 223 2.39 5.40 -0.86
C LEU A 223 2.65 6.80 -1.37
N TYR A 224 1.80 7.25 -2.30
CA TYR A 224 1.73 8.65 -2.65
C TYR A 224 0.48 9.25 -1.99
N GLN A 225 0.61 10.42 -1.37
CA GLN A 225 -0.55 11.19 -0.89
C GLN A 225 -0.41 12.65 -1.25
N SER A 226 -1.55 13.31 -1.38
CA SER A 226 -1.60 14.77 -1.45
C SER A 226 -0.89 15.44 -0.29
N ASN A 227 -0.61 16.73 -0.45
CA ASN A 227 0.06 17.51 0.57
C ASN A 227 -0.91 18.02 1.63
N VAL A 228 -1.58 17.10 2.29
CA VAL A 228 -2.46 17.40 3.40
C VAL A 228 -2.11 16.43 4.51
N GLN A 229 -1.64 16.95 5.62
CA GLN A 229 -1.19 16.10 6.71
C GLN A 229 -2.36 15.30 7.29
N ASN A 230 -2.15 13.99 7.48
CA ASN A 230 -3.22 13.14 8.02
C ASN A 230 -2.79 11.90 8.78
N LEU A 231 -1.60 11.36 8.47
CA LEU A 231 -1.18 10.09 9.04
C LEU A 231 -0.52 10.28 10.39
N GLN A 232 -0.75 9.31 11.27
CA GLN A 232 -0.04 9.24 12.54
C GLN A 232 0.51 7.85 12.76
N VAL A 233 1.67 7.77 13.39
CA VAL A 233 2.32 6.50 13.74
C VAL A 233 2.46 6.40 15.25
N GLU A 234 2.18 5.23 15.79
CA GLU A 234 2.38 4.98 17.21
C GLU A 234 3.86 4.68 17.45
N THR A 235 4.44 5.44 18.37
CA THR A 235 5.80 5.20 18.83
C THR A 235 5.78 5.00 20.34
N ALA A 236 6.94 4.74 20.92
CA ALA A 236 7.07 4.64 22.38
C ALA A 236 6.63 5.93 23.05
N ALA A 237 6.80 7.06 22.35
CA ALA A 237 6.36 8.36 22.85
C ALA A 237 4.91 8.70 22.52
N GLY A 238 4.14 7.73 22.02
CA GLY A 238 2.72 7.93 21.69
C GLY A 238 2.55 8.11 20.19
N TYR A 239 1.35 8.50 19.77
CA TYR A 239 1.08 8.77 18.35
C TYR A 239 1.75 10.07 17.96
N GLN A 240 2.43 10.06 16.82
CA GLN A 240 3.12 11.22 16.30
C GLN A 240 2.67 11.47 14.87
N ASP A 241 2.62 12.74 14.48
CA ASP A 241 2.22 13.14 13.15
C ASP A 241 3.31 12.88 12.10
N ILE A 242 2.93 12.22 11.01
CA ILE A 242 3.80 12.07 9.86
C ILE A 242 3.54 13.25 8.92
N GLU A 243 4.59 14.02 8.67
CA GLU A 243 4.53 15.16 7.76
C GLU A 243 4.13 14.69 6.36
N ALA A 244 3.32 15.47 5.67
CA ALA A 244 3.01 15.19 4.27
C ALA A 244 4.20 15.63 3.41
N ASP A 245 4.33 14.98 2.25
CA ASP A 245 5.30 15.33 1.24
C ASP A 245 4.78 14.73 -0.06
N ASP A 246 4.15 15.55 -0.87
CA ASP A 246 3.58 15.07 -2.15
C ASP A 246 4.61 15.03 -3.29
N THR A 247 5.90 15.11 -2.97
CA THR A 247 6.96 14.86 -3.93
C THR A 247 7.62 13.50 -3.74
N GLY A 248 7.46 12.88 -2.58
CA GLY A 248 8.09 11.61 -2.22
C GLY A 248 7.08 10.49 -2.06
N TYR A 249 7.59 9.29 -1.91
CA TYR A 249 6.77 8.14 -1.56
C TYR A 249 7.01 7.78 -0.10
N LEU A 250 5.94 7.66 0.67
CA LEU A 250 6.04 7.22 2.06
C LEU A 250 6.10 5.70 2.05
N ILE A 251 7.14 5.17 2.68
CA ILE A 251 7.40 3.75 2.73
C ILE A 251 7.29 3.26 4.18
N ASN A 252 6.68 2.09 4.35
CA ASN A 252 6.70 1.37 5.63
C ASN A 252 6.59 -0.11 5.38
N CYS A 253 6.99 -0.88 6.38
CA CYS A 253 6.82 -2.32 6.35
C CYS A 253 5.41 -2.76 6.73
N GLY A 254 4.99 -3.87 6.15
CA GLY A 254 3.75 -4.56 6.55
C GLY A 254 4.08 -5.77 7.42
N SER A 255 3.04 -6.47 7.86
CA SER A 255 3.23 -7.50 8.84
C SER A 255 3.92 -8.74 8.27
N TYR A 256 3.99 -8.92 6.95
CA TYR A 256 4.78 -10.03 6.42
C TYR A 256 6.27 -9.78 6.67
N MET A 257 6.71 -8.54 6.55
CA MET A 257 8.12 -8.21 6.85
C MET A 257 8.41 -8.45 8.33
N ALA A 258 7.47 -8.06 9.18
CA ALA A 258 7.62 -8.27 10.62
C ALA A 258 7.75 -9.76 10.93
N HIS A 259 6.93 -10.58 10.27
CA HIS A 259 7.02 -12.03 10.42
C HIS A 259 8.40 -12.56 10.00
N LEU A 260 8.83 -12.19 8.80
CA LEU A 260 10.06 -12.73 8.25
C LEU A 260 11.29 -12.34 9.05
N THR A 261 11.24 -11.18 9.71
CA THR A 261 12.41 -10.64 10.41
C THR A 261 12.27 -10.81 11.94
N ASN A 262 11.27 -11.55 12.37
CA ASN A 262 10.99 -11.75 13.81
C ASN A 262 10.88 -10.41 14.54
N ASN A 263 10.14 -9.51 13.92
CA ASN A 263 9.87 -8.20 14.46
C ASN A 263 11.08 -7.29 14.60
N TYR A 264 12.20 -7.62 13.96
CA TYR A 264 13.34 -6.69 13.88
C TYR A 264 12.93 -5.44 13.10
N TYR A 265 12.26 -5.63 11.97
CA TYR A 265 11.55 -4.55 11.29
C TYR A 265 10.07 -4.76 11.56
N LYS A 266 9.56 -4.01 12.52
CA LYS A 266 8.18 -4.08 12.91
C LYS A 266 7.29 -3.51 11.80
N ALA A 267 6.05 -3.97 11.74
CA ALA A 267 5.03 -3.30 10.96
C ALA A 267 4.47 -2.18 11.85
N PRO A 268 4.81 -0.93 11.55
CA PRO A 268 4.38 0.14 12.45
C PRO A 268 2.86 0.27 12.49
N ILE A 269 2.34 0.48 13.68
CA ILE A 269 0.91 0.76 13.87
C ILE A 269 0.68 2.22 13.50
N HIS A 270 -0.32 2.46 12.65
CA HIS A 270 -0.61 3.82 12.21
C HIS A 270 -2.09 3.96 11.96
N ARG A 271 -2.52 5.20 11.83
CA ARG A 271 -3.94 5.52 11.64
C ARG A 271 -4.07 6.80 10.82
N VAL A 272 -5.27 7.04 10.31
CA VAL A 272 -5.55 8.15 9.42
C VAL A 272 -6.47 9.13 10.13
N LYS A 273 -5.97 10.33 10.42
CA LYS A 273 -6.81 11.38 10.99
C LYS A 273 -7.88 11.83 10.01
N TRP A 274 -9.02 12.22 10.56
CA TRP A 274 -10.06 12.89 9.82
C TRP A 274 -9.59 14.30 9.48
N VAL A 275 -9.63 14.65 8.21
CA VAL A 275 -9.35 16.00 7.74
C VAL A 275 -10.43 16.33 6.71
N ASN A 276 -11.10 17.47 6.85
CA ASN A 276 -12.10 17.85 5.88
C ASN A 276 -11.45 18.57 4.70
N ALA A 277 -10.94 17.75 3.79
CA ALA A 277 -10.17 18.22 2.65
C ALA A 277 -10.30 17.22 1.52
N GLU A 278 -10.40 17.74 0.32
CA GLU A 278 -10.39 16.95 -0.89
C GLU A 278 -8.96 16.51 -1.16
N ARG A 279 -8.70 15.21 -1.08
CA ARG A 279 -7.34 14.74 -1.20
C ARG A 279 -7.27 13.31 -1.74
N GLN A 280 -6.05 12.88 -2.04
CA GLN A 280 -5.76 11.57 -2.64
C GLN A 280 -4.86 10.76 -1.76
N SER A 281 -5.15 9.47 -1.65
CA SER A 281 -4.23 8.55 -1.03
C SER A 281 -4.09 7.35 -1.99
N LEU A 282 -2.88 7.12 -2.50
CA LEU A 282 -2.64 6.20 -3.62
C LEU A 282 -1.58 5.17 -3.20
N PRO A 283 -1.96 4.21 -2.35
CA PRO A 283 -1.04 3.13 -1.96
C PRO A 283 -0.80 2.09 -3.03
N PHE A 284 0.43 1.59 -3.05
CA PHE A 284 0.80 0.36 -3.74
C PHE A 284 1.23 -0.60 -2.65
N PHE A 285 0.50 -1.70 -2.56
CA PHE A 285 0.79 -2.75 -1.57
C PHE A 285 1.68 -3.78 -2.22
N VAL A 286 2.92 -3.86 -1.73
CA VAL A 286 3.91 -4.76 -2.28
C VAL A 286 3.67 -6.13 -1.71
N ASN A 287 3.02 -6.96 -2.50
CA ASN A 287 2.70 -8.35 -2.19
C ASN A 287 3.52 -9.25 -3.10
N LEU A 288 3.88 -10.43 -2.60
CA LEU A 288 4.66 -11.40 -3.37
C LEU A 288 3.71 -12.29 -4.19
N GLY A 289 4.17 -13.45 -4.66
CA GLY A 289 3.32 -14.40 -5.35
C GLY A 289 2.55 -15.29 -4.39
N TYR A 290 1.54 -15.96 -4.89
CA TYR A 290 0.67 -16.76 -4.04
C TYR A 290 1.42 -17.86 -3.27
N ASP A 291 2.38 -18.49 -3.93
CA ASP A 291 3.15 -19.57 -3.33
C ASP A 291 4.49 -19.15 -2.75
N SER A 292 4.79 -17.84 -2.78
CA SER A 292 6.06 -17.36 -2.26
C SER A 292 6.18 -17.64 -0.76
N VAL A 293 7.28 -18.27 -0.36
CA VAL A 293 7.57 -18.50 1.04
C VAL A 293 9.00 -18.07 1.27
N ILE A 294 9.19 -17.17 2.20
CA ILE A 294 10.53 -16.84 2.66
C ILE A 294 10.69 -17.43 4.05
N ASP A 295 11.79 -18.13 4.29
CA ASP A 295 12.00 -18.73 5.60
C ASP A 295 12.31 -17.64 6.61
N PRO A 296 11.53 -17.57 7.69
CA PRO A 296 11.79 -16.52 8.68
C PRO A 296 13.19 -16.61 9.30
N PHE A 297 13.72 -15.45 9.66
CA PHE A 297 15.05 -15.35 10.24
C PHE A 297 15.04 -14.23 11.27
N ASP A 298 16.17 -14.04 11.96
CA ASP A 298 16.28 -13.03 13.00
C ASP A 298 17.68 -12.42 12.98
N PRO A 299 17.83 -11.21 12.39
CA PRO A 299 19.11 -10.50 12.31
C PRO A 299 19.65 -9.97 13.64
N ARG A 300 18.94 -10.23 14.74
CA ARG A 300 19.47 -9.92 16.07
C ARG A 300 20.07 -11.14 16.73
N GLU A 301 19.92 -12.32 16.13
CA GLU A 301 20.45 -13.55 16.70
C GLU A 301 21.72 -13.99 16.00
N PRO A 302 22.76 -14.37 16.76
CA PRO A 302 24.00 -14.84 16.16
C PRO A 302 23.82 -15.88 15.04
N ASN A 303 23.00 -16.90 15.25
CA ASN A 303 22.79 -17.92 14.22
C ASN A 303 21.70 -17.57 13.20
N GLY A 304 21.09 -16.39 13.35
CA GLY A 304 20.05 -15.94 12.43
C GLY A 304 18.74 -16.71 12.50
N LYS A 305 18.61 -17.63 13.44
CA LYS A 305 17.43 -18.51 13.48
C LYS A 305 16.25 -17.87 14.19
N SER A 306 15.06 -18.27 13.79
CA SER A 306 13.84 -17.74 14.33
C SER A 306 12.91 -18.88 14.75
N ASP A 307 12.12 -18.68 15.82
CA ASP A 307 11.13 -19.68 16.22
C ASP A 307 9.74 -19.44 15.59
N ARG A 308 9.71 -18.78 14.43
CA ARG A 308 8.49 -18.61 13.64
C ARG A 308 8.47 -19.63 12.52
N GLU A 309 7.28 -20.03 12.11
CA GLU A 309 7.12 -21.00 11.02
C GLU A 309 6.89 -20.31 9.67
N PRO A 310 7.39 -20.93 8.59
CA PRO A 310 7.16 -20.34 7.27
C PRO A 310 5.68 -20.20 6.96
N LEU A 311 5.36 -19.10 6.28
CA LEU A 311 3.98 -18.75 5.96
C LEU A 311 3.98 -18.36 4.49
N SER A 312 3.17 -19.01 3.66
CA SER A 312 3.09 -18.64 2.24
C SER A 312 2.40 -17.29 2.10
N TYR A 313 2.84 -16.52 1.12
CA TYR A 313 2.28 -15.18 0.95
C TYR A 313 0.77 -15.21 0.66
N GLY A 314 0.32 -16.17 -0.15
CA GLY A 314 -1.11 -16.26 -0.46
C GLY A 314 -1.98 -16.49 0.77
N ASP A 315 -1.53 -17.39 1.66
CA ASP A 315 -2.21 -17.62 2.95
C ASP A 315 -2.26 -16.33 3.76
N TYR A 316 -1.10 -15.71 3.90
CA TYR A 316 -0.96 -14.46 4.61
C TYR A 316 -1.94 -13.40 4.09
N LEU A 317 -1.94 -13.22 2.78
CA LEU A 317 -2.72 -12.15 2.17
C LEU A 317 -4.23 -12.40 2.30
N GLN A 318 -4.67 -13.60 1.95
CA GLN A 318 -6.12 -13.86 1.95
C GLN A 318 -6.66 -13.63 3.36
N ASN A 319 -5.97 -14.15 4.34
CA ASN A 319 -6.37 -14.01 5.73
C ASN A 319 -6.24 -12.57 6.23
N GLY A 320 -5.18 -11.88 5.83
CA GLY A 320 -4.95 -10.53 6.32
C GLY A 320 -5.99 -9.54 5.83
N LEU A 321 -6.40 -9.68 4.57
CA LEU A 321 -7.37 -8.73 4.01
C LEU A 321 -8.74 -8.88 4.68
N VAL A 322 -9.14 -10.11 4.95
CA VAL A 322 -10.41 -10.36 5.66
C VAL A 322 -10.34 -9.84 7.09
N SER A 323 -9.22 -10.10 7.76
CA SER A 323 -9.06 -9.64 9.14
C SER A 323 -9.11 -8.12 9.24
N LEU A 324 -8.50 -7.44 8.28
CA LEU A 324 -8.48 -5.98 8.28
C LEU A 324 -9.88 -5.40 8.07
N ILE A 325 -10.67 -6.03 7.19
CA ILE A 325 -12.08 -5.66 7.00
C ILE A 325 -12.89 -5.88 8.30
N ASN A 326 -12.66 -7.02 8.95
CA ASN A 326 -13.36 -7.29 10.21
C ASN A 326 -12.99 -6.30 11.30
N LYS A 327 -11.71 -5.90 11.37
CA LYS A 327 -11.26 -4.98 12.43
C LYS A 327 -11.71 -3.55 12.18
N ASN A 328 -11.45 -3.04 10.97
CA ASN A 328 -11.56 -1.60 10.71
C ASN A 328 -12.64 -1.23 9.70
N GLY A 329 -13.40 -2.23 9.25
CA GLY A 329 -14.57 -2.02 8.40
C GLY A 329 -14.33 -2.17 6.92
N GLN A 330 -15.39 -2.45 6.19
CA GLN A 330 -15.32 -2.49 4.73
C GLN A 330 -15.09 -1.09 4.18
N THR A 331 -13.99 -0.93 3.44
CA THR A 331 -13.65 0.36 2.86
C THR A 331 -14.39 0.57 1.54
#